data_3LA8
#
_entry.id   3LA8
#
_cell.length_a   113.000
_cell.length_b   113.000
_cell.length_c   60.100
_cell.angle_alpha   90.00
_cell.angle_beta   90.00
_cell.angle_gamma   120.00
#
_symmetry.space_group_name_H-M   'H 3'
#
loop_
_entity.id
_entity.type
_entity.pdbx_description
1 polymer 'Putative purine nucleoside phosphorylase'
2 non-polymer 'SULFATE ION'
3 water water
#
_entity_poly.entity_id   1
_entity_poly.type   'polypeptide(L)'
_entity_poly.pdbx_seq_one_letter_code
;MGSSHHHHHHSSGLVPRGSHMASMTGGQQMGRGSMSLLKKIYETRDFLTAKGVQKPEFGLILGSGLGELAEEIENALVLN
YADIPNWGRSTVSGHAGKLIYGELAGRKVLALQGRFHYYEGNSMELVTFPIRIMKALGCQGLIVTNAAGGIGFGPGTLMA
ISDHINLTGANPLMGENLDDFGFRFPDMSNAYTADYREVAHQVADKIGIKLDEGVYIGVSGPSYETPAEIRAFKTLGADA
VGMSTVPEVIVAVHSGLKVLGISAITNYAAGFQSELNHEEVVAVTQQIKEDFKGLVKAILVEL
;
_entity_poly.pdbx_strand_id   A
#
# COMPACT_ATOMS: atom_id res chain seq x y z
N SER A 36 1.69 20.51 15.86
CA SER A 36 2.46 19.25 16.07
C SER A 36 1.85 18.09 15.26
N LEU A 37 2.63 17.03 15.05
CA LEU A 37 2.16 15.88 14.31
C LEU A 37 0.93 15.24 14.98
N LEU A 38 1.05 14.92 16.26
CA LEU A 38 -0.05 14.34 17.04
C LEU A 38 -1.34 15.19 17.05
N LYS A 39 -1.21 16.50 17.28
CA LYS A 39 -2.34 17.44 17.17
C LYS A 39 -3.03 17.35 15.82
N LYS A 40 -2.24 17.33 14.74
CA LYS A 40 -2.75 17.17 13.39
C LYS A 40 -3.43 15.81 13.21
N ILE A 41 -2.87 14.78 13.86
CA ILE A 41 -3.44 13.44 13.76
C ILE A 41 -4.86 13.44 14.38
N TYR A 42 -5.01 14.11 15.51
CA TYR A 42 -6.35 14.24 16.14
C TYR A 42 -7.35 15.09 15.34
N GLU A 43 -6.96 16.29 14.93
CA GLU A 43 -7.88 17.11 14.14
C GLU A 43 -8.50 16.27 13.01
N THR A 44 -7.66 15.53 12.28
CA THR A 44 -8.09 14.84 11.07
C THR A 44 -8.95 13.61 11.39
N ARG A 45 -8.57 12.89 12.43
CA ARG A 45 -9.31 11.74 12.92
C ARG A 45 -10.71 12.19 13.36
N ASP A 46 -10.79 13.28 14.11
CA ASP A 46 -12.09 13.85 14.50
C ASP A 46 -12.97 14.33 13.33
N PHE A 47 -12.40 15.08 12.38
CA PHE A 47 -13.11 15.47 11.15
C PHE A 47 -13.63 14.25 10.39
N LEU A 48 -12.81 13.21 10.35
CA LEU A 48 -13.16 11.97 9.68
C LEU A 48 -14.28 11.23 10.43
N THR A 49 -14.12 11.09 11.74
CA THR A 49 -15.14 10.51 12.61
C THR A 49 -16.48 11.24 12.53
N ALA A 50 -16.46 12.57 12.52
CA ALA A 50 -17.68 13.37 12.42
C ALA A 50 -18.32 13.21 11.04
N LYS A 51 -17.52 13.12 10.00
CA LYS A 51 -18.02 12.88 8.65
C LYS A 51 -18.73 11.53 8.55
N GLY A 52 -18.35 10.58 9.40
CA GLY A 52 -18.97 9.27 9.44
C GLY A 52 -18.02 8.08 9.46
N VAL A 53 -16.71 8.33 9.51
CA VAL A 53 -15.72 7.23 9.52
C VAL A 53 -15.71 6.54 10.88
N GLN A 54 -16.49 5.46 11.00
CA GLN A 54 -16.79 4.87 12.30
C GLN A 54 -15.68 4.00 12.88
N LYS A 55 -15.52 2.80 12.34
CA LYS A 55 -14.54 1.89 12.88
C LYS A 55 -13.96 1.08 11.72
N PRO A 56 -12.98 1.66 11.01
CA PRO A 56 -12.32 0.92 9.93
C PRO A 56 -11.48 -0.24 10.50
N GLU A 57 -11.44 -1.37 9.80
CA GLU A 57 -10.60 -2.51 10.18
C GLU A 57 -9.29 -2.61 9.35
N PHE A 58 -9.39 -2.24 8.08
CA PHE A 58 -8.20 -2.25 7.26
C PHE A 58 -8.10 -0.95 6.50
N GLY A 59 -6.89 -0.41 6.44
CA GLY A 59 -6.59 0.59 5.44
C GLY A 59 -6.28 -0.08 4.11
N LEU A 60 -6.66 0.57 3.03
CA LEU A 60 -6.49 -0.02 1.71
C LEU A 60 -5.98 1.03 0.78
N ILE A 61 -4.73 0.88 0.32
CA ILE A 61 -4.21 1.86 -0.63
C ILE A 61 -4.14 1.28 -2.03
N LEU A 62 -4.89 1.88 -2.95
CA LEU A 62 -5.00 1.36 -4.31
C LEU A 62 -4.03 2.08 -5.21
N GLY A 63 -3.14 1.32 -5.80
CA GLY A 63 -2.12 1.89 -6.69
C GLY A 63 -2.65 2.30 -8.05
N SER A 64 -1.70 2.76 -8.87
CA SER A 64 -1.92 3.20 -10.25
C SER A 64 -2.62 2.11 -11.04
N GLY A 65 -3.79 2.45 -11.60
CA GLY A 65 -4.56 1.49 -12.38
C GLY A 65 -5.39 0.50 -11.59
N LEU A 66 -5.42 0.63 -10.27
CA LEU A 66 -6.08 -0.35 -9.37
C LEU A 66 -7.21 0.23 -8.55
N GLY A 67 -7.67 1.40 -8.99
CA GLY A 67 -8.66 2.21 -8.26
C GLY A 67 -10.10 1.76 -8.35
N GLU A 68 -10.42 0.98 -9.36
CA GLU A 68 -11.81 0.56 -9.62
C GLU A 68 -12.46 -0.22 -8.48
N LEU A 69 -11.66 -1.00 -7.73
CA LEU A 69 -12.17 -1.73 -6.56
C LEU A 69 -12.83 -0.81 -5.55
N ALA A 70 -12.36 0.44 -5.44
CA ALA A 70 -13.04 1.39 -4.55
C ALA A 70 -14.52 1.60 -4.90
N GLU A 71 -14.86 1.45 -6.18
CA GLU A 71 -16.22 1.62 -6.63
C GLU A 71 -17.16 0.52 -6.08
N GLU A 72 -16.59 -0.59 -5.61
CA GLU A 72 -17.37 -1.73 -5.11
C GLU A 72 -17.58 -1.66 -3.60
N ILE A 73 -16.98 -0.66 -2.95
CA ILE A 73 -17.20 -0.46 -1.53
C ILE A 73 -18.67 -0.09 -1.31
N GLU A 74 -19.32 -0.83 -0.42
CA GLU A 74 -20.75 -0.60 -0.12
C GLU A 74 -21.00 0.44 0.96
N ASN A 75 -22.14 1.13 0.85
CA ASN A 75 -22.54 2.15 1.83
C ASN A 75 -21.42 3.16 1.97
N ALA A 76 -20.81 3.48 0.82
CA ALA A 76 -19.58 4.26 0.76
C ALA A 76 -19.77 5.69 1.24
N LEU A 77 -18.81 6.18 2.01
CA LEU A 77 -18.67 7.62 2.32
C LEU A 77 -17.48 8.13 1.50
N VAL A 78 -17.76 9.00 0.53
CA VAL A 78 -16.73 9.46 -0.40
C VAL A 78 -16.32 10.88 -0.04
N LEU A 79 -15.06 11.04 0.38
CA LEU A 79 -14.53 12.37 0.74
C LEU A 79 -13.35 12.69 -0.14
N ASN A 80 -13.36 13.87 -0.74
CA ASN A 80 -12.25 14.25 -1.60
C ASN A 80 -11.04 14.69 -0.78
N TYR A 81 -9.85 14.36 -1.30
CA TYR A 81 -8.58 14.64 -0.63
C TYR A 81 -8.45 16.12 -0.21
N ALA A 82 -8.73 17.03 -1.11
CA ALA A 82 -8.66 18.47 -0.87
C ALA A 82 -9.60 18.88 0.26
N ASP A 83 -10.63 18.15 0.53
CA ASP A 83 -11.60 18.50 1.57
C ASP A 83 -11.13 18.12 2.98
N ILE A 84 -10.17 17.20 3.06
CA ILE A 84 -9.67 16.65 4.34
C ILE A 84 -8.56 17.53 4.97
N PRO A 85 -8.72 17.90 6.26
CA PRO A 85 -7.73 18.67 7.03
C PRO A 85 -6.34 18.02 7.10
N ASN A 86 -5.28 18.83 7.01
CA ASN A 86 -3.87 18.38 7.08
C ASN A 86 -3.46 17.27 6.12
N TRP A 87 -4.05 17.24 4.93
CA TRP A 87 -3.98 16.05 4.09
C TRP A 87 -3.43 16.35 2.69
N GLY A 97 -8.29 11.73 -6.54
CA GLY A 97 -7.81 11.80 -5.16
C GLY A 97 -8.94 11.76 -4.15
N LYS A 98 -9.39 10.56 -3.80
CA LYS A 98 -10.53 10.41 -2.88
C LYS A 98 -10.24 9.45 -1.72
N LEU A 99 -10.93 9.69 -0.61
CA LEU A 99 -10.96 8.79 0.54
C LEU A 99 -12.34 8.12 0.58
N ILE A 100 -12.37 6.79 0.66
CA ILE A 100 -13.64 6.05 0.71
C ILE A 100 -13.71 5.18 1.97
N TYR A 101 -14.71 5.42 2.81
CA TYR A 101 -15.01 4.55 3.96
C TYR A 101 -16.33 3.81 3.74
N GLY A 102 -16.35 2.50 3.97
CA GLY A 102 -17.56 1.73 3.82
C GLY A 102 -17.23 0.25 3.88
N GLU A 103 -18.07 -0.58 3.27
CA GLU A 103 -17.89 -2.04 3.40
C GLU A 103 -17.43 -2.72 2.13
N LEU A 104 -16.44 -3.61 2.29
CA LEU A 104 -15.86 -4.37 1.18
C LEU A 104 -15.63 -5.77 1.70
N ALA A 105 -16.21 -6.75 1.01
CA ALA A 105 -16.35 -8.12 1.55
C ALA A 105 -16.87 -8.09 3.01
N GLY A 106 -17.71 -7.11 3.31
CA GLY A 106 -18.28 -6.91 4.65
C GLY A 106 -17.32 -6.39 5.73
N ARG A 107 -16.06 -6.15 5.34
CA ARG A 107 -15.06 -5.54 6.24
C ARG A 107 -15.16 -4.06 6.09
N LYS A 108 -15.08 -3.37 7.21
CA LYS A 108 -14.99 -1.91 7.16
C LYS A 108 -13.60 -1.47 6.73
N VAL A 109 -13.53 -0.82 5.60
CA VAL A 109 -12.25 -0.36 5.04
C VAL A 109 -12.19 1.14 4.90
N LEU A 110 -11.00 1.68 5.12
CA LEU A 110 -10.73 3.04 4.76
C LEU A 110 -9.81 3.04 3.55
N ALA A 111 -10.41 3.26 2.37
CA ALA A 111 -9.72 3.11 1.10
C ALA A 111 -9.19 4.43 0.58
N LEU A 112 -7.94 4.40 0.12
CA LEU A 112 -7.35 5.55 -0.58
C LEU A 112 -7.27 5.25 -2.07
N GLN A 113 -7.86 6.14 -2.85
CA GLN A 113 -7.87 5.99 -4.29
C GLN A 113 -7.02 7.12 -4.90
N ARG A 115 -3.08 7.98 -4.23
CA ARG A 115 -2.25 8.17 -3.07
C ARG A 115 -1.31 9.35 -3.35
N PHE A 116 -0.73 9.92 -2.29
CA PHE A 116 0.42 10.83 -2.32
C PHE A 116 1.71 10.03 -2.61
N HIS A 117 2.63 10.64 -3.36
CA HIS A 117 3.95 10.05 -3.59
C HIS A 117 5.05 11.02 -3.20
N TYR A 118 6.18 10.49 -2.75
CA TYR A 118 7.32 11.30 -2.39
C TYR A 118 7.69 12.21 -3.57
N TYR A 119 7.58 11.69 -4.79
CA TYR A 119 8.00 12.52 -5.96
C TYR A 119 7.16 13.81 -6.22
N GLU A 120 6.02 13.93 -5.54
CA GLU A 120 5.13 15.08 -5.68
C GLU A 120 5.56 16.27 -4.80
N GLY A 121 6.46 16.00 -3.85
CA GLY A 121 7.00 17.03 -2.97
C GLY A 121 6.12 17.22 -1.76
N SER A 123 7.78 15.14 0.15
CA SER A 123 7.50 15.14 1.59
C SER A 123 7.15 13.74 2.00
N MET A 124 7.91 13.18 2.92
CA MET A 124 7.55 11.88 3.43
C MET A 124 6.39 12.01 4.42
N GLU A 125 6.19 13.23 4.97
CA GLU A 125 5.14 13.50 5.95
C GLU A 125 3.74 13.42 5.39
N LEU A 126 3.54 13.99 4.21
CA LEU A 126 2.28 13.87 3.47
C LEU A 126 2.02 12.49 2.90
N VAL A 127 3.09 11.77 2.52
CA VAL A 127 2.93 10.38 2.04
C VAL A 127 2.34 9.53 3.16
N THR A 128 2.93 9.64 4.34
CA THR A 128 2.65 8.68 5.39
C THR A 128 1.64 9.17 6.40
N PHE A 129 1.24 10.43 6.31
CA PHE A 129 0.18 10.93 7.19
C PHE A 129 -1.09 10.03 7.16
N PRO A 130 -1.59 9.63 5.96
CA PRO A 130 -2.71 8.65 5.86
C PRO A 130 -2.55 7.38 6.67
N ILE A 131 -1.31 6.90 6.79
CA ILE A 131 -1.08 5.67 7.57
C ILE A 131 -1.27 5.91 9.08
N ARG A 132 -0.81 7.05 9.53
CA ARG A 132 -1.03 7.52 10.91
C ARG A 132 -2.52 7.67 11.24
N ILE A 133 -3.28 8.19 10.28
CA ILE A 133 -4.74 8.33 10.41
C ILE A 133 -5.42 6.96 10.48
N MET A 134 -4.99 6.01 9.63
CA MET A 134 -5.54 4.65 9.68
C MET A 134 -5.36 4.08 11.10
N LYS A 135 -4.12 4.17 11.59
CA LYS A 135 -3.85 3.74 12.94
C LYS A 135 -4.77 4.50 13.95
N ALA A 136 -4.84 5.82 13.83
CA ALA A 136 -5.59 6.61 14.79
C ALA A 136 -7.11 6.31 14.78
N LEU A 137 -7.63 5.86 13.64
CA LEU A 137 -9.04 5.43 13.54
C LEU A 137 -9.29 3.97 13.95
N GLY A 138 -8.23 3.25 14.27
CA GLY A 138 -8.32 1.91 14.81
C GLY A 138 -8.12 0.76 13.83
N CYS A 139 -7.60 1.05 12.63
CA CYS A 139 -7.29 -0.07 11.73
C CYS A 139 -6.32 -1.02 12.38
N GLN A 140 -6.43 -2.30 12.03
CA GLN A 140 -5.52 -3.34 12.56
C GLN A 140 -4.44 -3.71 11.52
N GLY A 141 -4.73 -3.40 10.27
CA GLY A 141 -3.81 -3.67 9.20
C GLY A 141 -3.98 -2.76 8.01
N LEU A 142 -3.00 -2.88 7.11
CA LEU A 142 -2.89 -2.10 5.87
C LEU A 142 -2.72 -3.05 4.72
N ILE A 143 -3.57 -2.91 3.69
CA ILE A 143 -3.36 -3.57 2.45
C ILE A 143 -2.92 -2.49 1.49
N VAL A 144 -1.64 -2.54 1.18
CA VAL A 144 -1.02 -1.52 0.33
C VAL A 144 -0.69 -2.12 -0.98
N THR A 145 -1.10 -1.48 -2.06
CA THR A 145 -0.88 -2.04 -3.40
C THR A 145 -0.22 -1.05 -4.32
N ASN A 146 0.35 -1.56 -5.38
CA ASN A 146 0.99 -0.65 -6.31
C ASN A 146 1.07 -1.24 -7.69
N ALA A 147 1.38 -0.36 -8.64
CA ALA A 147 1.74 -0.74 -9.99
C ALA A 147 3.27 -0.74 -10.01
N ALA A 148 3.83 -1.89 -10.35
CA ALA A 148 5.28 -2.07 -10.28
C ALA A 148 5.84 -2.53 -11.63
N GLY A 149 7.06 -2.09 -11.93
CA GLY A 149 7.84 -2.63 -13.03
C GLY A 149 8.42 -4.00 -12.70
N GLY A 150 8.30 -4.91 -13.67
CA GLY A 150 8.71 -6.29 -13.39
C GLY A 150 10.19 -6.46 -13.58
N ILE A 151 10.83 -7.17 -12.64
CA ILE A 151 12.25 -7.49 -12.75
C ILE A 151 12.45 -8.98 -12.62
N GLY A 152 11.84 -9.57 -11.60
CA GLY A 152 11.89 -11.01 -11.40
C GLY A 152 10.67 -11.70 -11.99
N PHE A 153 9.75 -10.91 -12.54
CA PHE A 153 8.41 -11.36 -13.03
C PHE A 153 7.95 -10.48 -14.18
N GLY A 154 7.25 -11.08 -15.15
CA GLY A 154 6.79 -10.35 -16.33
C GLY A 154 5.34 -9.92 -16.25
N PRO A 155 4.84 -9.27 -17.32
CA PRO A 155 3.46 -8.78 -17.40
C PRO A 155 2.40 -9.83 -17.00
N GLY A 156 1.35 -9.39 -16.29
CA GLY A 156 0.31 -10.28 -15.82
C GLY A 156 0.45 -10.74 -14.37
N THR A 157 1.65 -10.54 -13.81
CA THR A 157 1.96 -11.05 -12.48
C THR A 157 1.29 -10.22 -11.38
N LEU A 158 0.67 -10.90 -10.42
CA LEU A 158 0.34 -10.32 -9.14
C LEU A 158 1.38 -10.84 -8.19
N MET A 159 2.09 -9.93 -7.55
CA MET A 159 3.20 -10.35 -6.69
C MET A 159 2.98 -9.87 -5.27
N ALA A 160 2.76 -10.83 -4.35
CA ALA A 160 2.66 -10.43 -2.95
C ALA A 160 4.03 -10.08 -2.39
N ILE A 161 4.17 -9.04 -1.66
CA ILE A 161 5.48 -8.53 -1.32
C ILE A 161 6.03 -9.28 -0.11
N SER A 162 7.19 -9.92 -0.28
CA SER A 162 7.85 -10.61 0.83
C SER A 162 8.68 -9.67 1.70
N ASP A 163 9.23 -8.63 1.07
CA ASP A 163 10.14 -7.75 1.77
C ASP A 163 10.36 -6.59 0.82
N HIS A 164 10.94 -5.51 1.34
CA HIS A 164 11.34 -4.46 0.42
C HIS A 164 12.81 -3.97 0.57
N ILE A 165 13.22 -3.15 -0.39
CA ILE A 165 14.52 -2.43 -0.33
C ILE A 165 14.19 -0.95 -0.51
N ASN A 166 14.70 -0.14 0.41
CA ASN A 166 14.40 1.27 0.39
C ASN A 166 15.53 1.99 -0.31
N LEU A 167 15.35 2.23 -1.60
CA LEU A 167 16.29 3.07 -2.32
C LEU A 167 15.67 4.42 -2.71
N THR A 168 14.76 4.91 -1.88
CA THR A 168 14.17 6.25 -2.11
C THR A 168 15.11 7.43 -1.80
N GLY A 169 16.10 7.16 -0.95
CA GLY A 169 16.99 8.16 -0.42
C GLY A 169 16.45 8.88 0.82
N ALA A 170 15.38 8.36 1.42
CA ALA A 170 14.69 9.03 2.52
C ALA A 170 14.10 8.00 3.46
N ASN A 171 14.03 8.32 4.73
CA ASN A 171 13.35 7.44 5.67
C ASN A 171 12.22 8.25 6.32
N PRO A 172 10.97 7.73 6.29
CA PRO A 172 9.84 8.55 6.77
C PRO A 172 9.80 8.80 8.27
N LEU A 173 10.66 8.13 9.04
CA LEU A 173 10.71 8.28 10.50
C LEU A 173 11.68 9.38 10.93
N MET A 174 12.33 10.00 9.99
CA MET A 174 13.21 11.11 10.28
C MET A 174 12.43 12.43 10.34
N GLY A 175 12.73 13.31 11.30
CA GLY A 175 13.58 13.07 12.48
C GLY A 175 12.98 13.87 13.63
N ASN A 177 8.29 15.46 14.62
CA ASN A 177 8.94 14.77 15.72
C ASN A 177 8.09 13.57 16.19
N LEU A 178 8.74 12.44 16.49
CA LEU A 178 8.03 11.17 16.83
C LEU A 178 8.31 10.71 18.26
N ASP A 179 8.94 11.58 19.06
CA ASP A 179 9.38 11.20 20.41
C ASP A 179 8.21 10.60 21.24
N ASP A 180 7.02 11.24 21.24
CA ASP A 180 5.87 10.79 22.08
C ASP A 180 5.33 9.40 21.73
N PHE A 181 5.64 8.89 20.54
CA PHE A 181 5.31 7.49 20.20
C PHE A 181 6.24 6.50 20.91
N GLY A 182 7.41 6.98 21.36
CA GLY A 182 8.33 6.18 22.14
C GLY A 182 8.94 4.96 21.47
N PHE A 183 9.06 4.98 20.14
CA PHE A 183 9.45 3.82 19.38
C PHE A 183 10.51 4.26 18.39
N ARG A 184 11.76 4.33 18.81
CA ARG A 184 12.77 4.93 17.97
C ARG A 184 13.24 4.02 16.86
N PHE A 185 13.43 2.74 17.15
CA PHE A 185 14.14 1.85 16.21
C PHE A 185 13.29 0.65 15.79
N PRO A 186 12.24 0.89 14.96
CA PRO A 186 11.41 -0.27 14.65
C PRO A 186 12.14 -1.41 13.93
N ASP A 187 11.89 -2.60 14.38
CA ASP A 187 12.37 -3.84 13.74
C ASP A 187 11.53 -4.08 12.45
N MET A 188 12.19 -4.34 11.31
CA MET A 188 11.50 -4.43 10.00
C MET A 188 11.48 -5.85 9.48
N SER A 189 11.91 -6.81 10.32
CA SER A 189 12.00 -8.22 9.93
C SER A 189 10.66 -8.89 9.60
N ASN A 190 9.55 -8.37 10.10
CA ASN A 190 8.26 -8.93 9.69
C ASN A 190 7.32 -7.81 9.19
N ALA A 191 7.84 -6.85 8.41
CA ALA A 191 7.05 -5.69 8.00
C ALA A 191 5.89 -6.17 7.14
N TYR A 192 6.19 -7.10 6.25
CA TYR A 192 5.16 -7.67 5.39
C TYR A 192 4.70 -8.93 6.10
N THR A 193 3.76 -8.71 7.01
CA THR A 193 3.27 -9.74 7.95
C THR A 193 3.22 -11.12 7.34
N ALA A 194 4.04 -12.03 7.87
CA ALA A 194 4.10 -13.37 7.35
C ALA A 194 2.69 -14.00 7.35
N ASP A 195 1.93 -13.79 8.43
CA ASP A 195 0.60 -14.42 8.60
C ASP A 195 -0.36 -13.98 7.47
N TYR A 196 -0.33 -12.68 7.15
CA TYR A 196 -1.11 -12.12 6.04
C TYR A 196 -0.71 -12.70 4.68
N ARG A 197 0.57 -12.94 4.50
CA ARG A 197 1.05 -13.45 3.25
C ARG A 197 0.65 -14.92 3.11
N GLU A 198 0.66 -15.62 4.22
CA GLU A 198 0.20 -16.99 4.31
C GLU A 198 -1.31 -17.05 3.91
N VAL A 199 -2.14 -16.18 4.50
CA VAL A 199 -3.58 -16.07 4.14
C VAL A 199 -3.76 -15.76 2.64
N ALA A 200 -2.93 -14.83 2.15
CA ALA A 200 -3.00 -14.43 0.73
C ALA A 200 -2.75 -15.59 -0.23
N HIS A 201 -1.71 -16.36 0.05
CA HIS A 201 -1.44 -17.56 -0.74
C HIS A 201 -2.53 -18.63 -0.59
N GLN A 202 -3.01 -18.86 0.63
CA GLN A 202 -4.06 -19.90 0.85
C GLN A 202 -5.31 -19.58 0.03
N VAL A 203 -5.66 -18.29 0.00
CA VAL A 203 -6.86 -17.84 -0.69
C VAL A 203 -6.66 -17.99 -2.20
N ALA A 204 -5.50 -17.52 -2.68
CA ALA A 204 -5.18 -17.56 -4.08
C ALA A 204 -5.15 -19.01 -4.59
N ASP A 205 -4.58 -19.90 -3.79
CA ASP A 205 -4.49 -21.30 -4.15
C ASP A 205 -5.90 -21.89 -4.28
N LYS A 206 -6.77 -21.58 -3.31
CA LYS A 206 -8.14 -22.12 -3.30
C LYS A 206 -8.95 -21.67 -4.53
N ILE A 207 -8.95 -20.37 -4.79
CA ILE A 207 -9.79 -19.75 -5.82
C ILE A 207 -9.15 -19.71 -7.23
N GLY A 208 -7.92 -20.23 -7.34
CA GLY A 208 -7.27 -20.39 -8.65
C GLY A 208 -6.65 -19.17 -9.28
N ILE A 209 -6.40 -18.13 -8.47
CA ILE A 209 -5.66 -16.94 -8.97
C ILE A 209 -4.18 -17.09 -8.67
N LYS A 210 -3.34 -16.99 -9.70
CA LYS A 210 -1.88 -17.12 -9.59
C LYS A 210 -1.34 -15.94 -8.77
N LEU A 211 -0.61 -16.23 -7.71
CA LEU A 211 -0.09 -15.16 -6.84
C LEU A 211 1.39 -15.43 -6.61
N ASP A 212 2.23 -14.65 -7.27
CA ASP A 212 3.65 -14.80 -7.07
C ASP A 212 4.11 -14.07 -5.82
N GLU A 213 5.42 -14.17 -5.54
CA GLU A 213 5.99 -13.56 -4.36
C GLU A 213 7.41 -13.06 -4.55
N GLY A 214 7.70 -11.87 -4.02
CA GLY A 214 9.07 -11.38 -4.22
C GLY A 214 9.29 -10.04 -3.59
N VAL A 215 10.48 -9.50 -3.87
CA VAL A 215 10.99 -8.33 -3.19
C VAL A 215 10.68 -7.07 -4.02
N TYR A 216 10.21 -6.04 -3.34
CA TYR A 216 9.89 -4.78 -4.03
C TYR A 216 10.96 -3.75 -3.65
N ILE A 217 11.52 -3.08 -4.65
CA ILE A 217 12.44 -2.03 -4.37
C ILE A 217 11.72 -0.71 -4.67
N GLY A 218 11.72 0.17 -3.66
CA GLY A 218 11.13 1.49 -3.76
C GLY A 218 12.18 2.54 -4.11
N VAL A 219 11.86 3.31 -5.12
CA VAL A 219 12.69 4.44 -5.51
C VAL A 219 11.80 5.69 -5.52
N SER A 220 12.43 6.86 -5.69
CA SER A 220 11.72 8.13 -5.60
C SER A 220 10.87 8.36 -6.85
N GLY A 221 11.37 7.99 -8.03
CA GLY A 221 10.72 8.54 -9.25
C GLY A 221 11.02 10.03 -9.32
N PRO A 222 10.32 10.77 -10.20
CA PRO A 222 9.24 10.25 -11.07
C PRO A 222 9.67 9.75 -12.46
N SER A 223 10.90 10.01 -12.85
CA SER A 223 11.41 9.39 -14.07
C SER A 223 11.50 7.88 -13.82
N TYR A 224 11.23 7.08 -14.88
CA TYR A 224 11.42 5.61 -14.83
C TYR A 224 12.88 5.30 -14.73
N GLU A 225 13.21 4.12 -14.17
CA GLU A 225 14.57 3.69 -14.00
C GLU A 225 15.17 3.38 -15.36
N THR A 226 16.49 3.59 -15.50
CA THR A 226 17.19 3.24 -16.73
C THR A 226 17.43 1.73 -16.72
N PRO A 227 17.68 1.13 -17.90
CA PRO A 227 18.10 -0.28 -17.94
C PRO A 227 19.25 -0.65 -17.01
N ALA A 228 20.30 0.16 -16.93
CA ALA A 228 21.42 -0.14 -16.06
C ALA A 228 20.98 -0.14 -14.61
N GLU A 229 20.13 0.83 -14.24
CA GLU A 229 19.58 0.84 -12.85
C GLU A 229 18.82 -0.44 -12.54
N ILE A 230 17.94 -0.82 -13.45
CA ILE A 230 17.18 -2.09 -13.28
C ILE A 230 18.15 -3.29 -13.21
N ARG A 231 19.19 -3.29 -14.01
CA ARG A 231 20.20 -4.35 -13.88
C ARG A 231 20.86 -4.33 -12.51
N ALA A 232 21.13 -3.15 -12.00
CA ALA A 232 21.69 -3.04 -10.68
C ALA A 232 20.71 -3.53 -9.63
N PHE A 233 19.43 -3.20 -9.78
CA PHE A 233 18.43 -3.59 -8.78
C PHE A 233 18.23 -5.11 -8.79
N LYS A 234 18.34 -5.72 -9.98
CA LYS A 234 18.27 -7.20 -10.06
C LYS A 234 19.41 -7.79 -9.27
N THR A 235 20.62 -7.26 -9.48
CA THR A 235 21.81 -7.71 -8.72
C THR A 235 21.58 -7.61 -7.20
N LEU A 236 20.89 -6.57 -6.78
CA LEU A 236 20.59 -6.41 -5.37
C LEU A 236 19.38 -7.21 -4.85
N GLY A 237 18.81 -8.09 -5.68
CA GLY A 237 17.74 -8.95 -5.19
C GLY A 237 16.32 -8.48 -5.46
N ALA A 238 16.13 -7.36 -6.17
CA ALA A 238 14.78 -6.81 -6.41
C ALA A 238 13.99 -7.63 -7.44
N ASP A 239 12.75 -7.97 -7.13
CA ASP A 239 11.83 -8.64 -8.13
C ASP A 239 10.86 -7.67 -8.84
N ALA A 240 10.66 -6.50 -8.24
CA ALA A 240 9.85 -5.47 -8.86
C ALA A 240 10.21 -4.09 -8.31
N VAL A 241 9.92 -3.05 -9.07
CA VAL A 241 10.27 -1.65 -8.69
C VAL A 241 9.11 -0.68 -8.81
N GLY A 242 9.06 0.30 -7.92
CA GLY A 242 8.06 1.30 -8.10
C GLY A 242 8.34 2.49 -7.23
N MET A 243 7.40 3.43 -7.27
CA MET A 243 7.60 4.77 -6.69
C MET A 243 6.71 5.02 -5.48
N SER A 244 6.32 3.96 -4.80
CA SER A 244 5.42 4.12 -3.66
C SER A 244 5.79 3.14 -2.59
N THR A 245 4.87 2.99 -1.63
CA THR A 245 4.77 1.80 -0.77
C THR A 245 5.83 1.72 0.32
N VAL A 246 7.10 1.85 -0.01
CA VAL A 246 8.14 1.67 1.03
C VAL A 246 7.94 2.59 2.24
N PRO A 247 7.68 3.89 1.99
CA PRO A 247 7.51 4.83 3.15
C PRO A 247 6.25 4.51 3.94
N GLU A 248 5.16 4.16 3.25
CA GLU A 248 3.92 3.77 3.94
C GLU A 248 4.11 2.56 4.86
N VAL A 249 4.82 1.55 4.36
CA VAL A 249 5.15 0.35 5.14
C VAL A 249 6.06 0.62 6.34
N ILE A 250 7.04 1.51 6.21
CA ILE A 250 7.92 1.81 7.34
C ILE A 250 7.06 2.46 8.44
N VAL A 251 6.24 3.43 8.04
CA VAL A 251 5.32 4.06 8.99
C VAL A 251 4.28 3.11 9.61
N ALA A 252 3.75 2.23 8.79
CA ALA A 252 2.88 1.13 9.28
C ALA A 252 3.53 0.31 10.39
N VAL A 253 4.79 -0.08 10.19
CA VAL A 253 5.52 -0.85 11.20
C VAL A 253 5.65 -0.02 12.47
N HIS A 254 6.06 1.25 12.32
CA HIS A 254 6.21 2.15 13.49
C HIS A 254 4.85 2.31 14.21
N SER A 255 3.77 2.16 13.44
CA SER A 255 2.38 2.34 13.93
C SER A 255 1.88 1.10 14.60
N GLY A 256 2.59 -0.01 14.43
CA GLY A 256 2.15 -1.29 14.93
C GLY A 256 1.08 -1.92 14.04
N LEU A 257 1.03 -1.52 12.77
CA LEU A 257 0.03 -2.06 11.89
C LEU A 257 0.53 -3.30 11.20
N LYS A 258 -0.34 -4.29 11.04
CA LYS A 258 0.00 -5.39 10.14
C LYS A 258 -0.16 -4.88 8.69
N VAL A 259 0.52 -5.53 7.76
CA VAL A 259 0.62 -5.00 6.37
C VAL A 259 0.61 -6.16 5.40
N LEU A 260 -0.24 -6.09 4.37
CA LEU A 260 -0.17 -6.96 3.19
C LEU A 260 0.18 -6.14 1.99
N GLY A 261 1.22 -6.54 1.26
CA GLY A 261 1.68 -5.80 0.05
C GLY A 261 1.44 -6.57 -1.22
N ILE A 262 0.84 -5.88 -2.21
CA ILE A 262 0.63 -6.51 -3.48
C ILE A 262 1.02 -5.66 -4.66
N SER A 263 1.94 -6.17 -5.46
CA SER A 263 2.30 -5.44 -6.65
C SER A 263 1.57 -6.05 -7.84
N ALA A 264 0.93 -5.19 -8.64
CA ALA A 264 0.39 -5.61 -9.96
C ALA A 264 1.41 -5.26 -11.05
N ILE A 265 1.84 -6.27 -11.81
CA ILE A 265 2.88 -6.04 -12.81
C ILE A 265 2.29 -6.16 -14.21
N THR A 266 2.16 -5.01 -14.87
CA THR A 266 1.63 -4.87 -16.26
C THR A 266 2.76 -4.95 -17.29
N ASN A 267 3.93 -4.45 -16.92
CA ASN A 267 5.07 -4.22 -17.83
C ASN A 267 6.32 -4.69 -17.11
N TYR A 268 7.26 -5.26 -17.86
CA TYR A 268 8.63 -5.33 -17.40
C TYR A 268 9.15 -3.93 -17.11
N ALA A 269 10.12 -3.85 -16.18
CA ALA A 269 10.89 -2.64 -16.01
C ALA A 269 11.86 -2.45 -17.20
N ALA A 270 12.50 -1.30 -17.27
CA ALA A 270 13.42 -0.99 -18.39
C ALA A 270 14.48 -2.05 -18.64
N GLY A 271 14.78 -2.27 -19.93
CA GLY A 271 15.84 -3.20 -20.32
C GLY A 271 15.39 -4.62 -20.66
N PHE A 272 14.08 -4.84 -20.60
CA PHE A 272 13.54 -6.18 -20.90
C PHE A 272 12.70 -6.18 -22.19
N VAL A 281 -2.02 -8.82 -24.07
CA VAL A 281 -1.33 -7.87 -24.94
C VAL A 281 -1.65 -6.43 -24.54
N ALA A 283 -6.19 -8.52 -23.28
CA ALA A 283 -5.23 -7.66 -22.65
C ALA A 283 -4.84 -8.22 -21.30
N VAL A 284 -3.57 -8.10 -21.00
CA VAL A 284 -3.03 -8.47 -19.72
C VAL A 284 -3.58 -7.59 -18.65
N THR A 285 -3.81 -6.34 -18.98
CA THR A 285 -4.30 -5.40 -18.01
C THR A 285 -5.75 -5.62 -17.60
N GLN A 286 -6.56 -6.18 -18.46
CA GLN A 286 -7.88 -6.54 -18.02
C GLN A 286 -7.80 -7.77 -17.14
N GLN A 287 -6.96 -8.73 -17.49
CA GLN A 287 -6.80 -9.92 -16.64
C GLN A 287 -6.25 -9.56 -15.25
N ILE A 288 -5.08 -8.91 -15.22
CA ILE A 288 -4.54 -8.30 -13.98
C ILE A 288 -5.64 -7.70 -13.12
N LYS A 289 -6.42 -6.78 -13.70
CA LYS A 289 -7.41 -6.03 -12.99
C LYS A 289 -8.52 -6.90 -12.37
N GLU A 290 -9.01 -7.88 -13.12
CA GLU A 290 -10.06 -8.81 -12.66
C GLU A 290 -9.54 -9.71 -11.51
N ASP A 291 -8.37 -10.28 -11.72
CA ASP A 291 -7.71 -11.09 -10.70
C ASP A 291 -7.48 -10.33 -9.40
N PHE A 292 -7.00 -9.10 -9.55
CA PHE A 292 -6.69 -8.24 -8.40
C PHE A 292 -7.93 -8.03 -7.58
N LYS A 293 -9.04 -7.67 -8.24
CA LYS A 293 -10.24 -7.31 -7.50
C LYS A 293 -10.80 -8.54 -6.79
N GLY A 294 -10.70 -9.68 -7.45
CA GLY A 294 -11.24 -10.96 -6.93
C GLY A 294 -10.43 -11.47 -5.74
N LEU A 295 -9.12 -11.45 -5.91
CA LEU A 295 -8.16 -11.90 -4.89
C LEU A 295 -8.23 -11.05 -3.63
N VAL A 296 -8.32 -9.73 -3.82
CA VAL A 296 -8.38 -8.79 -2.69
C VAL A 296 -9.66 -8.91 -1.84
N LYS A 297 -10.83 -9.00 -2.49
CA LYS A 297 -12.08 -9.27 -1.78
C LYS A 297 -12.06 -10.63 -1.02
N ALA A 298 -11.56 -11.67 -1.68
CA ALA A 298 -11.53 -13.01 -1.10
C ALA A 298 -10.61 -13.06 0.11
N ILE A 299 -9.51 -12.32 0.01
CA ILE A 299 -8.61 -12.16 1.16
C ILE A 299 -9.25 -11.43 2.32
N LEU A 300 -9.92 -10.33 2.02
CA LEU A 300 -10.57 -9.53 3.05
C LEU A 300 -11.59 -10.30 3.90
N VAL A 301 -12.24 -11.28 3.28
CA VAL A 301 -13.23 -12.12 3.96
C VAL A 301 -12.66 -12.67 5.25
N GLU A 302 -11.46 -13.24 5.17
CA GLU A 302 -10.88 -13.89 6.33
C GLU A 302 -9.66 -13.22 6.93
N LEU A 303 -9.20 -12.10 6.35
CA LEU A 303 -8.08 -11.39 6.93
C LEU A 303 -8.29 -11.07 8.41
#